data_2E81
#
_entry.id   2E81
#
_cell.length_a   119.891
_cell.length_b   119.891
_cell.length_c   186.224
_cell.angle_alpha   90.00
_cell.angle_beta   90.00
_cell.angle_gamma   90.00
#
_symmetry.space_group_name_H-M   'I 41 2 2'
#
loop_
_entity.id
_entity.type
_entity.pdbx_description
1 polymer 'Cytochrome c-552'
2 non-polymer 'CALCIUM ION'
3 non-polymer 'YTTRIUM (III) ION'
4 non-polymer 'PROTOPORPHYRIN IX CONTAINING FE'
5 non-polymer HYDROXYAMINE
6 water water
#
_entity_poly.entity_id   1
_entity_poly.type   'polypeptide(L)'
_entity_poly.pdbx_seq_one_letter_code
;SNINEREKERVALNKTAHSQGIEGKAMSEEWARYYPRQFDSWKKTKESDNITDMLKEKPALVVAWAGYPFSKDYNAPRGH
YYALQDNINTLRTGAPVDGKTGPLPSACWTCKSPDVPRIIEQDGELEYFTGKWAKYGDEIVNTIGCYNCHDDKSAELKSK
VPYLDRGLSAAGFKTFAESTHQEKRSLVCAQCHVEYYFKKTEWKDDKGVDKTAMVVTLPWSKGISTEQMEAYYDEINFAD
WTHGISKTPMLKAQHPDWELYKTGIHGQKGVSCADCHMPYTQEGAVKYSDHKVGNPLDNMDKSCMNCHRESEQKLKDIVK
QKFERKEFLQDIAFDNIGKAHLETGKAMELGATDAELKEIRTHIRHAQWRADMAIAGHGSFFHAPEEVLRLLASGNEEAQ
KARIKLVKVLAKYGAIDYVAPDFETKEKAQKLAKVDMEAFIAEKLKFKQTLEQEWKKQAIAKGRLNPESLKGVDEKSSYY
DKTKK
;
_entity_poly.pdbx_strand_id   A
#
loop_
_chem_comp.id
_chem_comp.type
_chem_comp.name
_chem_comp.formula
CA non-polymer 'CALCIUM ION' 'Ca 2'
HEM non-polymer 'PROTOPORPHYRIN IX CONTAINING FE' 'C34 H32 Fe N4 O4'
HOA non-polymer HYDROXYAMINE 'H3 N O'
YT3 non-polymer 'YTTRIUM (III) ION' 'Y 3'
#
# COMPACT_ATOMS: atom_id res chain seq x y z
N LYS A 15 0.05 29.76 21.14
CA LYS A 15 -1.18 29.21 20.49
C LYS A 15 -1.20 29.56 19.01
N THR A 16 -2.15 28.97 18.28
CA THR A 16 -2.31 29.21 16.85
C THR A 16 -3.43 30.21 16.66
N ALA A 17 -3.71 30.56 15.41
CA ALA A 17 -4.78 31.49 15.10
C ALA A 17 -6.11 30.75 14.91
N HIS A 18 -6.13 29.49 15.32
CA HIS A 18 -7.31 28.64 15.21
C HIS A 18 -7.36 27.69 16.41
N SER A 19 -7.03 28.23 17.58
CA SER A 19 -6.98 27.47 18.83
C SER A 19 -8.26 26.74 19.23
N GLN A 20 -9.38 27.08 18.63
CA GLN A 20 -10.63 26.39 18.97
C GLN A 20 -11.03 25.36 17.92
N GLY A 21 -10.15 25.12 16.96
CA GLY A 21 -10.46 24.14 15.92
C GLY A 21 -10.75 24.81 14.60
N ILE A 22 -10.85 24.00 13.55
CA ILE A 22 -11.13 24.51 12.21
C ILE A 22 -12.41 23.90 11.66
N GLU A 23 -13.35 24.77 11.36
CA GLU A 23 -14.60 24.35 10.76
C GLU A 23 -14.39 23.75 9.38
N GLY A 24 -14.78 22.53 9.17
CA GLY A 24 -14.55 21.87 7.89
C GLY A 24 -13.12 21.36 7.77
N LYS A 25 -12.50 21.11 8.91
CA LYS A 25 -11.11 20.64 8.96
C LYS A 25 -10.72 19.52 8.00
N ALA A 26 -11.68 18.70 7.59
CA ALA A 26 -11.36 17.61 6.68
C ALA A 26 -10.93 18.14 5.32
N MET A 27 -11.41 19.32 4.97
CA MET A 27 -11.04 19.90 3.67
C MET A 27 -9.80 20.75 3.89
N SER A 28 -8.69 20.29 3.34
CA SER A 28 -7.41 20.98 3.48
C SER A 28 -7.45 22.44 3.04
N GLU A 29 -8.33 22.77 2.11
CA GLU A 29 -8.44 24.15 1.66
C GLU A 29 -8.81 25.06 2.83
N GLU A 30 -9.38 24.48 3.88
CA GLU A 30 -9.78 25.22 5.07
C GLU A 30 -8.58 25.65 5.92
N TRP A 31 -7.42 25.07 5.65
CA TRP A 31 -6.21 25.38 6.40
C TRP A 31 -5.36 26.43 5.70
N ALA A 32 -5.71 26.72 4.45
CA ALA A 32 -4.97 27.68 3.63
C ALA A 32 -4.91 29.09 4.19
N ARG A 33 -5.97 29.56 4.84
CA ARG A 33 -5.95 30.91 5.38
C ARG A 33 -4.92 31.08 6.49
N TYR A 34 -4.58 29.98 7.15
CA TYR A 34 -3.60 30.02 8.24
C TYR A 34 -2.20 29.64 7.82
N TYR A 35 -2.10 28.70 6.86
CA TYR A 35 -0.80 28.22 6.40
C TYR A 35 -0.71 28.18 4.89
N PRO A 36 -0.71 29.35 4.24
CA PRO A 36 -0.63 29.39 2.78
C PRO A 36 0.59 28.68 2.18
N ARG A 37 1.76 28.82 2.82
CA ARG A 37 2.97 28.19 2.32
C ARG A 37 2.86 26.67 2.27
N GLN A 38 2.54 26.06 3.41
CA GLN A 38 2.40 24.62 3.48
C GLN A 38 1.29 24.09 2.57
N PHE A 39 0.22 24.87 2.45
CA PHE A 39 -0.89 24.48 1.60
C PHE A 39 -0.44 24.43 0.14
N ASP A 40 0.33 25.43 -0.27
CA ASP A 40 0.80 25.51 -1.64
C ASP A 40 1.72 24.37 -2.05
N SER A 41 2.68 24.01 -1.20
CA SER A 41 3.59 22.92 -1.54
C SER A 41 2.86 21.57 -1.43
N TRP A 42 1.94 21.47 -0.48
CA TRP A 42 1.15 20.25 -0.29
C TRP A 42 0.36 19.92 -1.56
N LYS A 43 -0.21 20.96 -2.16
CA LYS A 43 -1.02 20.83 -3.36
C LYS A 43 -0.20 20.41 -4.58
N LYS A 44 1.09 20.73 -4.58
CA LYS A 44 1.96 20.40 -5.71
C LYS A 44 2.27 18.92 -5.95
N THR A 45 1.83 18.02 -5.08
CA THR A 45 2.09 16.61 -5.34
C THR A 45 1.25 16.25 -6.56
N LYS A 46 0.48 17.23 -7.02
CA LYS A 46 -0.35 17.08 -8.21
C LYS A 46 0.60 16.85 -9.38
N GLU A 47 1.82 17.33 -9.23
CA GLU A 47 2.86 17.22 -10.26
C GLU A 47 3.29 15.78 -10.51
N SER A 48 3.20 14.93 -9.50
CA SER A 48 3.56 13.52 -9.66
C SER A 48 2.29 12.79 -10.08
N ASP A 49 2.00 12.83 -11.38
CA ASP A 49 0.78 12.23 -11.91
C ASP A 49 1.03 11.01 -12.79
N ASN A 50 2.28 10.60 -12.91
CA ASN A 50 2.63 9.45 -13.74
C ASN A 50 2.04 8.13 -13.25
N ILE A 51 1.46 7.37 -14.19
CA ILE A 51 0.90 6.07 -13.88
C ILE A 51 1.82 5.01 -14.47
N THR A 52 2.46 4.24 -13.60
CA THR A 52 3.34 3.16 -14.04
C THR A 52 2.63 1.85 -13.71
N ASP A 53 2.22 1.13 -14.75
CA ASP A 53 1.53 -0.14 -14.61
C ASP A 53 2.54 -1.23 -14.21
N MET A 54 2.58 -1.57 -12.93
CA MET A 54 3.53 -2.56 -12.44
C MET A 54 3.27 -3.97 -12.95
N LEU A 55 2.03 -4.26 -13.31
CA LEU A 55 1.70 -5.58 -13.82
C LEU A 55 2.27 -5.70 -15.24
N LYS A 56 2.37 -4.57 -15.93
CA LYS A 56 2.90 -4.54 -17.28
C LYS A 56 4.43 -4.60 -17.20
N GLU A 57 4.99 -3.89 -16.22
CA GLU A 57 6.44 -3.86 -16.03
C GLU A 57 6.97 -5.19 -15.48
N LYS A 58 6.24 -5.80 -14.56
CA LYS A 58 6.64 -7.06 -13.94
C LYS A 58 5.48 -8.05 -14.01
N PRO A 59 5.21 -8.61 -15.20
CA PRO A 59 4.11 -9.56 -15.34
C PRO A 59 4.17 -10.79 -14.40
N ALA A 60 5.35 -11.07 -13.86
CA ALA A 60 5.49 -12.19 -12.93
C ALA A 60 4.57 -11.98 -11.74
N LEU A 61 4.35 -10.70 -11.40
CA LEU A 61 3.49 -10.34 -10.28
C LEU A 61 2.07 -10.85 -10.48
N VAL A 62 1.60 -10.87 -11.73
CA VAL A 62 0.25 -11.34 -12.01
C VAL A 62 0.10 -12.81 -11.58
N VAL A 63 1.08 -13.63 -11.94
CA VAL A 63 1.03 -15.05 -11.59
C VAL A 63 1.09 -15.20 -10.06
N ALA A 64 1.94 -14.43 -9.42
CA ALA A 64 2.10 -14.47 -7.98
C ALA A 64 0.79 -14.15 -7.27
N TRP A 65 0.04 -13.20 -7.83
CA TRP A 65 -1.21 -12.78 -7.21
C TRP A 65 -2.48 -13.35 -7.84
N ALA A 66 -2.33 -14.46 -8.55
CA ALA A 66 -3.48 -15.10 -9.20
C ALA A 66 -4.54 -15.42 -8.14
N GLY A 67 -5.78 -15.03 -8.42
CA GLY A 67 -6.86 -15.28 -7.47
C GLY A 67 -7.04 -14.15 -6.47
N TYR A 68 -6.28 -13.07 -6.64
CA TYR A 68 -6.33 -11.92 -5.73
C TYR A 68 -6.52 -10.65 -6.58
N PRO A 69 -7.15 -9.61 -6.04
CA PRO A 69 -7.35 -8.37 -6.80
C PRO A 69 -6.11 -7.76 -7.44
N PHE A 70 -4.96 -7.90 -6.80
CA PHE A 70 -3.73 -7.33 -7.35
C PHE A 70 -3.34 -7.92 -8.71
N SER A 71 -3.95 -9.04 -9.07
CA SER A 71 -3.63 -9.64 -10.37
C SER A 71 -4.41 -8.89 -11.46
N LYS A 72 -5.34 -8.04 -11.03
CA LYS A 72 -6.14 -7.26 -11.98
C LYS A 72 -5.56 -5.88 -12.28
N ASP A 73 -5.16 -5.17 -11.24
CA ASP A 73 -4.66 -3.81 -11.35
C ASP A 73 -3.72 -3.51 -10.18
N TYR A 74 -2.53 -3.03 -10.49
CA TYR A 74 -1.53 -2.67 -9.48
C TYR A 74 -0.54 -1.72 -10.13
N ASN A 75 -0.54 -0.46 -9.70
CA ASN A 75 0.36 0.53 -10.27
C ASN A 75 1.31 1.07 -9.19
N ALA A 76 2.37 1.76 -9.63
CA ALA A 76 3.32 2.34 -8.70
C ALA A 76 2.59 3.51 -8.03
N PRO A 77 3.07 3.95 -6.86
CA PRO A 77 2.37 5.07 -6.24
C PRO A 77 2.72 6.38 -6.91
N ARG A 78 1.83 7.36 -6.81
CA ARG A 78 2.11 8.68 -7.36
C ARG A 78 1.75 9.69 -6.28
N GLY A 79 1.67 10.97 -6.65
CA GLY A 79 1.37 11.99 -5.66
C GLY A 79 0.17 11.78 -4.75
N HIS A 80 0.27 12.28 -3.52
CA HIS A 80 -0.81 12.18 -2.54
C HIS A 80 -2.09 12.80 -3.09
N TYR A 81 -1.92 13.75 -3.99
CA TYR A 81 -3.03 14.45 -4.63
C TYR A 81 -4.00 13.47 -5.29
N TYR A 82 -3.49 12.31 -5.71
CA TYR A 82 -4.30 11.31 -6.38
C TYR A 82 -4.74 10.09 -5.57
N ALA A 83 -4.33 10.01 -4.31
CA ALA A 83 -4.69 8.86 -3.48
C ALA A 83 -6.17 8.48 -3.52
N LEU A 84 -7.03 9.41 -3.15
CA LEU A 84 -8.47 9.13 -3.13
C LEU A 84 -8.97 8.66 -4.50
N GLN A 85 -8.62 9.39 -5.57
CA GLN A 85 -9.08 9.03 -6.91
C GLN A 85 -8.52 7.69 -7.40
N ASP A 86 -7.28 7.38 -7.02
CA ASP A 86 -6.68 6.10 -7.45
C ASP A 86 -7.36 4.95 -6.73
N ASN A 87 -7.84 5.22 -5.51
CA ASN A 87 -8.54 4.23 -4.71
C ASN A 87 -9.84 3.90 -5.45
N ILE A 88 -10.45 4.94 -6.03
CA ILE A 88 -11.69 4.80 -6.78
C ILE A 88 -11.48 4.17 -8.15
N ASN A 89 -10.39 4.56 -8.82
CA ASN A 89 -10.09 4.06 -10.16
C ASN A 89 -9.58 2.63 -10.26
N THR A 90 -8.77 2.20 -9.30
CA THR A 90 -8.22 0.85 -9.36
C THR A 90 -9.29 -0.19 -9.60
N LEU A 91 -8.98 -1.16 -10.46
CA LEU A 91 -9.94 -2.21 -10.74
C LEU A 91 -10.17 -3.06 -9.49
N ARG A 92 -9.23 -2.99 -8.54
CA ARG A 92 -9.37 -3.78 -7.32
C ARG A 92 -10.66 -3.47 -6.54
N THR A 93 -11.10 -2.21 -6.55
CA THR A 93 -12.32 -1.86 -5.84
C THR A 93 -13.59 -2.21 -6.63
N GLY A 94 -13.41 -2.65 -7.87
CA GLY A 94 -14.53 -3.07 -8.68
C GLY A 94 -15.59 -2.04 -9.04
N ALA A 95 -16.83 -2.49 -9.18
CA ALA A 95 -17.91 -1.61 -9.58
C ALA A 95 -19.20 -1.76 -8.78
N PRO A 96 -19.26 -1.15 -7.60
CA PRO A 96 -20.47 -1.24 -6.77
C PRO A 96 -21.64 -0.61 -7.54
N VAL A 97 -22.87 -0.98 -7.20
CA VAL A 97 -24.04 -0.39 -7.85
C VAL A 97 -24.77 0.43 -6.79
N ASP A 98 -24.35 0.24 -5.55
CA ASP A 98 -24.93 0.97 -4.42
C ASP A 98 -23.99 0.85 -3.22
N GLY A 99 -24.44 1.30 -2.05
CA GLY A 99 -23.59 1.24 -0.87
C GLY A 99 -23.43 -0.12 -0.23
N LYS A 100 -24.09 -1.13 -0.79
CA LYS A 100 -24.02 -2.47 -0.23
C LYS A 100 -23.36 -3.47 -1.16
N THR A 101 -22.86 -2.99 -2.30
CA THR A 101 -22.22 -3.89 -3.27
C THR A 101 -20.75 -3.55 -3.49
N GLY A 102 -20.08 -4.40 -4.26
CA GLY A 102 -18.66 -4.18 -4.52
C GLY A 102 -17.84 -5.21 -3.77
N PRO A 103 -16.66 -5.57 -4.29
CA PRO A 103 -15.78 -6.56 -3.68
C PRO A 103 -15.05 -6.21 -2.37
N LEU A 104 -14.68 -4.96 -2.20
CA LEU A 104 -13.93 -4.59 -1.00
C LEU A 104 -14.71 -3.88 0.11
N PRO A 105 -14.17 -3.93 1.34
CA PRO A 105 -14.76 -3.34 2.54
C PRO A 105 -14.44 -1.87 2.75
N SER A 106 -15.10 -1.28 3.74
CA SER A 106 -14.92 0.13 4.08
C SER A 106 -13.49 0.48 4.45
N ALA A 107 -12.76 -0.49 4.98
CA ALA A 107 -11.38 -0.25 5.41
C ALA A 107 -10.45 0.24 4.30
N CYS A 108 -10.84 0.05 3.05
CA CYS A 108 -10.01 0.50 1.94
C CYS A 108 -9.86 2.02 1.82
N TRP A 109 -10.71 2.77 2.52
CA TRP A 109 -10.62 4.24 2.48
C TRP A 109 -9.58 4.75 3.49
N THR A 110 -9.43 3.99 4.57
CA THR A 110 -8.57 4.33 5.70
C THR A 110 -7.34 5.20 5.50
N CYS A 111 -6.49 4.82 4.55
CA CYS A 111 -5.25 5.56 4.33
C CYS A 111 -5.28 6.42 3.07
N LYS A 112 -6.46 6.93 2.73
CA LYS A 112 -6.58 7.73 1.52
C LYS A 112 -7.20 9.10 1.73
N SER A 113 -7.73 9.35 2.92
CA SER A 113 -8.44 10.61 3.13
C SER A 113 -8.52 11.16 4.54
N PRO A 114 -8.57 12.50 4.67
CA PRO A 114 -8.67 13.12 5.99
C PRO A 114 -10.11 12.94 6.48
N ASP A 115 -10.99 12.49 5.60
CA ASP A 115 -12.38 12.24 5.95
C ASP A 115 -12.50 10.98 6.82
N VAL A 116 -11.45 10.16 6.80
CA VAL A 116 -11.46 8.92 7.59
C VAL A 116 -11.47 9.23 9.09
N PRO A 117 -10.54 10.06 9.58
CA PRO A 117 -10.58 10.32 11.01
C PRO A 117 -11.85 11.11 11.38
N ARG A 118 -12.37 11.86 10.42
CA ARG A 118 -13.59 12.63 10.65
C ARG A 118 -14.75 11.68 10.96
N ILE A 119 -14.89 10.65 10.13
CA ILE A 119 -15.95 9.67 10.31
C ILE A 119 -15.71 8.79 11.54
N ILE A 120 -14.46 8.42 11.79
CA ILE A 120 -14.15 7.60 12.94
C ILE A 120 -14.52 8.35 14.21
N GLU A 121 -14.20 9.64 14.25
CA GLU A 121 -14.48 10.50 15.40
C GLU A 121 -15.96 10.78 15.56
N GLN A 122 -16.74 10.52 14.52
CA GLN A 122 -18.17 10.76 14.54
C GLN A 122 -19.00 9.51 14.82
N ASP A 123 -18.63 8.38 14.21
CA ASP A 123 -19.38 7.14 14.40
C ASP A 123 -18.63 6.03 15.12
N GLY A 124 -17.37 6.27 15.46
CA GLY A 124 -16.61 5.24 16.15
C GLY A 124 -15.83 4.35 15.20
N GLU A 125 -14.73 3.80 15.70
CA GLU A 125 -13.86 2.93 14.91
C GLU A 125 -14.55 1.70 14.32
N LEU A 126 -15.24 0.93 15.16
CA LEU A 126 -15.91 -0.28 14.68
C LEU A 126 -16.94 -0.02 13.59
N GLU A 127 -17.76 1.02 13.78
CA GLU A 127 -18.78 1.34 12.78
C GLU A 127 -18.12 1.72 11.47
N TYR A 128 -17.01 2.46 11.55
CA TYR A 128 -16.31 2.86 10.35
C TYR A 128 -15.81 1.64 9.58
N PHE A 129 -15.27 0.66 10.31
CA PHE A 129 -14.75 -0.55 9.70
C PHE A 129 -15.82 -1.58 9.38
N THR A 130 -17.08 -1.17 9.44
CA THR A 130 -18.19 -2.07 9.13
C THR A 130 -18.84 -1.68 7.81
N GLY A 131 -19.01 -2.67 6.94
CA GLY A 131 -19.65 -2.41 5.65
C GLY A 131 -18.75 -2.48 4.44
N LYS A 132 -19.32 -2.12 3.30
CA LYS A 132 -18.59 -2.15 2.04
C LYS A 132 -17.85 -0.84 1.82
N TRP A 133 -16.89 -0.88 0.90
CA TRP A 133 -16.12 0.30 0.54
C TRP A 133 -17.12 1.34 0.02
N ALA A 134 -18.10 0.86 -0.76
CA ALA A 134 -19.11 1.74 -1.35
C ALA A 134 -19.96 2.47 -0.33
N LYS A 135 -19.95 1.99 0.91
CA LYS A 135 -20.73 2.60 1.98
C LYS A 135 -20.46 4.10 2.17
N TYR A 136 -19.21 4.52 2.04
CA TYR A 136 -18.86 5.93 2.24
C TYR A 136 -18.50 6.70 0.99
N GLY A 137 -18.98 6.23 -0.16
CA GLY A 137 -18.67 6.90 -1.42
C GLY A 137 -18.93 8.39 -1.49
N ASP A 138 -19.99 8.87 -0.84
CA ASP A 138 -20.28 10.29 -0.89
C ASP A 138 -19.87 11.04 0.38
N GLU A 139 -19.03 10.39 1.19
CA GLU A 139 -18.56 10.99 2.44
C GLU A 139 -17.03 11.13 2.46
N ILE A 140 -16.33 10.10 2.02
CA ILE A 140 -14.87 10.12 1.98
C ILE A 140 -14.49 10.57 0.57
N VAL A 141 -14.35 11.89 0.43
CA VAL A 141 -14.08 12.50 -0.86
C VAL A 141 -12.88 13.45 -0.95
N ASN A 142 -12.16 13.63 0.14
CA ASN A 142 -10.98 14.49 0.14
C ASN A 142 -9.76 13.57 0.18
N THR A 143 -8.67 13.97 -0.46
CA THR A 143 -7.48 13.12 -0.47
C THR A 143 -6.49 13.55 0.63
N ILE A 144 -5.52 12.69 0.91
CA ILE A 144 -4.48 12.92 1.93
C ILE A 144 -4.38 14.41 2.26
N GLY A 145 -4.78 14.79 3.47
CA GLY A 145 -4.73 16.20 3.81
C GLY A 145 -4.16 16.57 5.17
N CYS A 146 -4.14 17.87 5.43
CA CYS A 146 -3.62 18.42 6.68
C CYS A 146 -4.13 17.67 7.91
N TYR A 147 -5.42 17.42 7.93
CA TYR A 147 -6.06 16.74 9.05
C TYR A 147 -5.59 15.31 9.28
N ASN A 148 -4.91 14.72 8.30
CA ASN A 148 -4.41 13.36 8.46
C ASN A 148 -3.17 13.35 9.34
N CYS A 149 -2.46 14.48 9.39
CA CYS A 149 -1.24 14.55 10.18
C CYS A 149 -1.17 15.66 11.22
N HIS A 150 -2.14 16.58 11.20
CA HIS A 150 -2.13 17.70 12.12
C HIS A 150 -3.38 17.86 12.98
N ASP A 151 -3.17 18.34 14.20
CA ASP A 151 -4.26 18.61 15.14
C ASP A 151 -4.81 19.95 14.66
N ASP A 152 -6.13 20.08 14.53
CA ASP A 152 -6.70 21.33 14.02
C ASP A 152 -6.77 22.48 15.03
N LYS A 153 -6.26 22.26 16.23
CA LYS A 153 -6.24 23.31 17.25
C LYS A 153 -4.82 23.80 17.48
N SER A 154 -3.90 22.85 17.65
CA SER A 154 -2.49 23.18 17.89
C SER A 154 -1.59 23.07 16.66
N ALA A 155 -2.06 22.38 15.63
CA ALA A 155 -1.28 22.19 14.40
C ALA A 155 -0.14 21.20 14.61
N GLU A 156 -0.05 20.63 15.81
CA GLU A 156 0.99 19.65 16.12
C GLU A 156 0.79 18.35 15.37
N LEU A 157 1.87 17.61 15.16
CA LEU A 157 1.81 16.33 14.48
C LEU A 157 0.98 15.40 15.35
N LYS A 158 0.18 14.56 14.71
CA LYS A 158 -0.66 13.60 15.43
C LYS A 158 -1.02 12.40 14.57
N SER A 159 -1.20 11.25 15.22
CA SER A 159 -1.62 10.05 14.53
C SER A 159 -3.13 10.06 14.71
N LYS A 160 -3.87 9.97 13.62
CA LYS A 160 -5.33 10.02 13.69
C LYS A 160 -5.98 8.64 13.63
N VAL A 161 -5.16 7.59 13.56
CA VAL A 161 -5.68 6.23 13.50
C VAL A 161 -5.20 5.39 14.67
N PRO A 162 -6.15 4.88 15.46
CA PRO A 162 -5.86 4.04 16.64
C PRO A 162 -5.04 2.78 16.41
N TYR A 163 -5.11 2.21 15.20
CA TYR A 163 -4.37 0.97 14.95
C TYR A 163 -2.85 1.11 14.99
N LEU A 164 -2.35 2.32 14.79
CA LEU A 164 -0.90 2.53 14.83
C LEU A 164 -0.31 2.35 16.22
N ASP A 165 -0.85 3.06 17.21
CA ASP A 165 -0.36 2.93 18.57
C ASP A 165 -0.53 1.50 19.04
N ARG A 166 -1.65 0.91 18.67
CA ARG A 166 -1.99 -0.46 19.02
C ARG A 166 -0.88 -1.38 18.52
N GLY A 167 -0.41 -1.13 17.31
CA GLY A 167 0.66 -1.93 16.74
C GLY A 167 2.00 -1.62 17.36
N LEU A 168 2.28 -0.33 17.58
CA LEU A 168 3.54 0.10 18.18
C LEU A 168 3.72 -0.54 19.55
N SER A 169 2.66 -0.50 20.36
CA SER A 169 2.71 -1.07 21.71
C SER A 169 3.00 -2.57 21.62
N ALA A 170 2.22 -3.27 20.81
CA ALA A 170 2.38 -4.70 20.63
C ALA A 170 3.80 -5.08 20.24
N ALA A 171 4.50 -4.16 19.59
CA ALA A 171 5.88 -4.42 19.17
C ALA A 171 6.89 -3.93 20.20
N GLY A 172 6.40 -3.34 21.28
CA GLY A 172 7.30 -2.84 22.31
C GLY A 172 7.83 -1.45 22.08
N PHE A 173 7.25 -0.75 21.10
CA PHE A 173 7.65 0.61 20.77
C PHE A 173 6.82 1.57 21.62
N LYS A 174 7.29 2.81 21.73
CA LYS A 174 6.56 3.83 22.47
C LYS A 174 5.40 4.27 21.58
N THR A 175 4.31 4.73 22.18
CA THR A 175 3.17 5.20 21.41
C THR A 175 3.55 6.53 20.79
N PHE A 176 2.68 7.06 19.93
CA PHE A 176 2.94 8.34 19.27
C PHE A 176 3.16 9.48 20.27
N ALA A 177 2.29 9.58 21.27
CA ALA A 177 2.40 10.64 22.27
C ALA A 177 3.68 10.50 23.09
N GLU A 178 4.11 9.26 23.30
CA GLU A 178 5.32 8.96 24.09
C GLU A 178 6.61 9.15 23.30
N SER A 179 6.50 9.24 21.98
CA SER A 179 7.67 9.37 21.11
C SER A 179 8.27 10.77 21.07
N THR A 180 9.53 10.85 20.64
CA THR A 180 10.22 12.13 20.52
C THR A 180 9.66 12.83 19.29
N HIS A 181 10.04 14.08 19.09
CA HIS A 181 9.57 14.83 17.94
C HIS A 181 10.09 14.22 16.65
N GLN A 182 11.38 13.91 16.63
CA GLN A 182 12.02 13.32 15.46
C GLN A 182 11.33 12.00 15.09
N GLU A 183 10.91 11.25 16.10
CA GLU A 183 10.23 9.99 15.86
C GLU A 183 8.86 10.25 15.23
N LYS A 184 8.20 11.32 15.69
CA LYS A 184 6.89 11.68 15.17
C LYS A 184 6.98 12.08 13.70
N ARG A 185 8.13 12.62 13.30
CA ARG A 185 8.33 13.04 11.91
C ARG A 185 8.34 11.85 10.95
N SER A 186 8.36 10.64 11.50
CA SER A 186 8.31 9.42 10.68
C SER A 186 7.00 8.70 10.96
N LEU A 187 6.55 8.75 12.21
CA LEU A 187 5.32 8.08 12.59
C LEU A 187 4.05 8.61 11.92
N VAL A 188 4.02 9.90 11.62
CA VAL A 188 2.83 10.43 10.97
C VAL A 188 2.66 9.69 9.65
N CYS A 189 3.79 9.29 9.06
CA CYS A 189 3.80 8.56 7.79
C CYS A 189 3.37 7.11 8.02
N ALA A 190 3.83 6.54 9.13
CA ALA A 190 3.53 5.14 9.47
C ALA A 190 2.05 4.86 9.67
N GLN A 191 1.23 5.90 9.68
CA GLN A 191 -0.20 5.67 9.82
C GLN A 191 -0.66 4.90 8.59
N CYS A 192 0.01 5.14 7.47
CA CYS A 192 -0.37 4.52 6.21
C CYS A 192 0.70 3.68 5.54
N HIS A 193 1.95 4.14 5.61
CA HIS A 193 3.05 3.45 4.96
C HIS A 193 3.59 2.27 5.76
N VAL A 194 2.70 1.31 6.00
CA VAL A 194 3.04 0.10 6.75
C VAL A 194 2.26 -1.10 6.20
N GLU A 195 2.69 -2.30 6.59
CA GLU A 195 2.04 -3.54 6.20
C GLU A 195 0.87 -3.72 7.17
N TYR A 196 -0.21 -4.33 6.69
CA TYR A 196 -1.39 -4.53 7.53
C TYR A 196 -2.23 -5.68 6.98
N TYR A 197 -3.28 -6.03 7.73
CA TYR A 197 -4.24 -7.05 7.29
C TYR A 197 -5.57 -6.68 7.93
N PHE A 198 -6.68 -7.16 7.36
CA PHE A 198 -7.99 -6.87 7.92
C PHE A 198 -8.40 -7.99 8.86
N LYS A 199 -8.67 -7.65 10.11
CA LYS A 199 -9.08 -8.64 11.10
C LYS A 199 -10.59 -8.63 11.24
N LYS A 200 -11.22 -9.75 10.90
CA LYS A 200 -12.66 -9.88 11.02
C LYS A 200 -12.97 -9.70 12.51
N THR A 201 -13.79 -8.71 12.83
CA THR A 201 -14.12 -8.41 14.22
C THR A 201 -15.62 -8.30 14.48
N GLU A 202 -16.13 -9.23 15.30
CA GLU A 202 -17.54 -9.26 15.66
C GLU A 202 -17.80 -8.23 16.77
N TRP A 203 -18.91 -7.52 16.69
CA TRP A 203 -19.25 -6.54 17.70
C TRP A 203 -20.74 -6.23 17.71
N LYS A 204 -21.18 -5.47 18.72
CA LYS A 204 -22.57 -5.10 18.85
C LYS A 204 -22.65 -3.59 19.06
N ASP A 205 -23.49 -2.92 18.28
CA ASP A 205 -23.63 -1.47 18.40
C ASP A 205 -24.47 -1.09 19.62
N ASP A 206 -24.52 0.21 19.91
CA ASP A 206 -25.28 0.72 21.04
C ASP A 206 -26.77 0.46 20.90
N LYS A 207 -27.19 0.01 19.72
CA LYS A 207 -28.59 -0.29 19.46
C LYS A 207 -28.83 -1.79 19.59
N GLY A 208 -27.80 -2.52 20.02
CA GLY A 208 -27.90 -3.96 20.21
C GLY A 208 -27.70 -4.86 19.01
N VAL A 209 -27.75 -4.28 17.81
CA VAL A 209 -27.57 -5.06 16.58
C VAL A 209 -26.18 -5.68 16.45
N ASP A 210 -26.12 -6.91 15.96
CA ASP A 210 -24.85 -7.60 15.76
C ASP A 210 -24.26 -7.21 14.41
N LYS A 211 -22.96 -6.92 14.40
CA LYS A 211 -22.30 -6.53 13.16
C LYS A 211 -20.89 -7.10 13.10
N THR A 212 -20.36 -7.19 11.88
CA THR A 212 -19.02 -7.69 11.66
C THR A 212 -18.20 -6.60 10.99
N ALA A 213 -17.06 -6.28 11.59
CA ALA A 213 -16.19 -5.26 11.05
C ALA A 213 -14.86 -5.84 10.59
N MET A 214 -14.27 -5.23 9.57
CA MET A 214 -12.97 -5.64 9.04
C MET A 214 -12.03 -4.54 9.48
N VAL A 215 -11.31 -4.78 10.57
CA VAL A 215 -10.41 -3.80 11.16
C VAL A 215 -8.94 -3.86 10.72
N VAL A 216 -8.41 -2.71 10.33
CA VAL A 216 -7.01 -2.60 9.93
C VAL A 216 -6.17 -2.97 11.14
N THR A 217 -5.27 -3.92 10.97
CA THR A 217 -4.42 -4.39 12.05
C THR A 217 -2.98 -4.54 11.59
N LEU A 218 -2.06 -3.99 12.38
CA LEU A 218 -0.64 -4.10 12.05
C LEU A 218 -0.14 -5.39 12.70
N PRO A 219 0.38 -6.32 11.88
CA PRO A 219 0.89 -7.62 12.34
C PRO A 219 2.23 -7.49 13.05
N TRP A 220 2.30 -6.64 14.06
CA TRP A 220 3.54 -6.40 14.79
C TRP A 220 3.68 -7.01 16.19
N SER A 221 2.71 -7.80 16.63
CA SER A 221 2.78 -8.37 17.98
C SER A 221 4.01 -9.23 18.27
N LYS A 222 4.72 -9.68 17.24
CA LYS A 222 5.92 -10.49 17.45
C LYS A 222 7.16 -9.73 17.01
N GLY A 223 6.96 -8.49 16.56
CA GLY A 223 8.08 -7.70 16.09
C GLY A 223 7.79 -7.20 14.69
N ILE A 224 8.64 -6.34 14.16
CA ILE A 224 8.41 -5.78 12.83
C ILE A 224 9.28 -6.31 11.70
N SER A 225 10.05 -7.38 11.95
CA SER A 225 10.87 -7.95 10.89
C SER A 225 9.95 -8.82 10.05
N THR A 226 10.38 -9.10 8.82
CA THR A 226 9.58 -9.93 7.93
C THR A 226 9.34 -11.30 8.55
N GLU A 227 10.39 -11.89 9.12
CA GLU A 227 10.29 -13.20 9.76
C GLU A 227 9.34 -13.21 10.95
N GLN A 228 9.36 -12.13 11.73
CA GLN A 228 8.48 -12.05 12.89
C GLN A 228 7.03 -11.92 12.45
N MET A 229 6.80 -11.11 11.42
CA MET A 229 5.45 -10.94 10.89
C MET A 229 4.97 -12.26 10.29
N GLU A 230 5.89 -12.99 9.67
CA GLU A 230 5.57 -14.28 9.07
C GLU A 230 5.05 -15.23 10.15
N ALA A 231 5.74 -15.26 11.29
CA ALA A 231 5.35 -16.11 12.41
C ALA A 231 3.99 -15.68 12.94
N TYR A 232 3.79 -14.37 12.95
CA TYR A 232 2.53 -13.79 13.41
C TYR A 232 1.38 -14.35 12.60
N TYR A 233 1.52 -14.33 11.28
CA TYR A 233 0.47 -14.84 10.40
C TYR A 233 0.32 -16.36 10.48
N ASP A 234 1.44 -17.08 10.52
CA ASP A 234 1.36 -18.54 10.59
C ASP A 234 0.73 -19.01 11.89
N GLU A 235 0.99 -18.29 12.98
CA GLU A 235 0.46 -18.64 14.29
C GLU A 235 -1.07 -18.74 14.27
N ILE A 236 -1.72 -17.78 13.60
CA ILE A 236 -3.17 -17.80 13.53
C ILE A 236 -3.67 -18.42 12.23
N ASN A 237 -2.78 -19.09 11.52
CA ASN A 237 -3.12 -19.76 10.27
C ASN A 237 -3.87 -18.80 9.34
N PHE A 238 -3.37 -17.58 9.23
CA PHE A 238 -4.01 -16.58 8.40
C PHE A 238 -3.60 -16.66 6.93
N ALA A 239 -4.55 -16.35 6.04
CA ALA A 239 -4.29 -16.33 4.60
C ALA A 239 -5.12 -15.21 4.01
N ASP A 240 -4.51 -14.38 3.16
CA ASP A 240 -5.22 -13.29 2.52
C ASP A 240 -6.08 -13.86 1.38
N TRP A 241 -5.62 -14.96 0.80
CA TRP A 241 -6.37 -15.61 -0.26
C TRP A 241 -5.75 -16.97 -0.61
N THR A 242 -6.53 -17.82 -1.26
CA THR A 242 -6.06 -19.13 -1.67
C THR A 242 -5.63 -18.93 -3.12
N HIS A 243 -4.36 -19.23 -3.42
CA HIS A 243 -3.86 -19.00 -4.78
C HIS A 243 -4.72 -19.61 -5.86
N GLY A 244 -5.09 -18.79 -6.84
CA GLY A 244 -5.93 -19.25 -7.93
C GLY A 244 -5.35 -20.39 -8.74
N ILE A 245 -4.03 -20.51 -8.72
CA ILE A 245 -3.35 -21.56 -9.48
C ILE A 245 -2.81 -22.70 -8.63
N SER A 246 -2.05 -22.39 -7.59
CA SER A 246 -1.47 -23.44 -6.75
C SER A 246 -2.30 -23.78 -5.51
N LYS A 247 -3.33 -22.99 -5.25
CA LYS A 247 -4.18 -23.22 -4.08
C LYS A 247 -3.39 -23.16 -2.79
N THR A 248 -2.34 -22.33 -2.79
CA THR A 248 -1.51 -22.15 -1.60
C THR A 248 -2.12 -21.05 -0.73
N PRO A 249 -2.07 -21.22 0.61
CA PRO A 249 -2.61 -20.21 1.52
C PRO A 249 -1.62 -19.05 1.46
N MET A 250 -1.96 -18.02 0.70
CA MET A 250 -1.08 -16.88 0.50
C MET A 250 -1.19 -15.70 1.47
N LEU A 251 -0.08 -14.97 1.58
CA LEU A 251 0.01 -13.79 2.41
C LEU A 251 0.41 -12.65 1.48
N LYS A 252 -0.29 -11.53 1.58
CA LYS A 252 0.01 -10.38 0.74
C LYS A 252 0.76 -9.32 1.53
N ALA A 253 1.90 -8.88 1.02
CA ALA A 253 2.65 -7.84 1.70
C ALA A 253 2.20 -6.52 1.09
N GLN A 254 1.93 -5.53 1.93
CA GLN A 254 1.52 -4.23 1.39
C GLN A 254 2.38 -3.12 1.94
N HIS A 255 3.07 -2.44 1.02
CA HIS A 255 3.92 -1.30 1.36
C HIS A 255 4.41 -1.20 2.81
N PRO A 256 5.31 -2.09 3.22
CA PRO A 256 5.85 -2.05 4.59
C PRO A 256 7.00 -1.04 4.59
N ASP A 257 6.71 0.17 4.13
CA ASP A 257 7.71 1.22 4.02
C ASP A 257 8.42 1.54 5.34
N TRP A 258 7.64 1.80 6.38
CA TRP A 258 8.21 2.14 7.69
C TRP A 258 8.95 0.96 8.34
N GLU A 259 8.38 -0.24 8.24
CA GLU A 259 9.02 -1.40 8.86
C GLU A 259 10.43 -1.65 8.34
N LEU A 260 10.61 -1.60 7.02
CA LEU A 260 11.93 -1.83 6.46
C LEU A 260 12.85 -0.63 6.67
N TYR A 261 12.26 0.57 6.67
CA TYR A 261 13.03 1.79 6.88
C TYR A 261 13.70 1.74 8.26
N LYS A 262 12.96 1.26 9.26
CA LYS A 262 13.46 1.16 10.62
C LYS A 262 14.72 0.31 10.74
N THR A 263 14.89 -0.67 9.86
CA THR A 263 16.06 -1.54 9.92
C THR A 263 17.24 -1.00 9.11
N GLY A 264 16.96 -0.07 8.20
CA GLY A 264 18.01 0.50 7.38
C GLY A 264 18.91 1.41 8.17
N ILE A 265 20.09 1.70 7.65
CA ILE A 265 21.05 2.55 8.33
C ILE A 265 20.47 3.92 8.69
N HIS A 266 19.83 4.59 7.73
CA HIS A 266 19.25 5.91 8.00
C HIS A 266 18.30 5.85 9.19
N GLY A 267 17.41 4.86 9.20
CA GLY A 267 16.47 4.73 10.30
C GLY A 267 17.16 4.45 11.62
N GLN A 268 18.21 3.62 11.59
CA GLN A 268 18.94 3.31 12.82
C GLN A 268 19.67 4.55 13.35
N LYS A 269 20.05 5.44 12.43
CA LYS A 269 20.76 6.65 12.81
C LYS A 269 19.84 7.81 13.16
N GLY A 270 18.53 7.58 13.14
CA GLY A 270 17.59 8.63 13.51
C GLY A 270 17.13 9.60 12.45
N VAL A 271 17.40 9.30 11.17
CA VAL A 271 16.96 10.18 10.09
C VAL A 271 15.48 9.85 9.84
N SER A 272 14.61 10.85 9.93
CA SER A 272 13.18 10.63 9.74
C SER A 272 12.74 10.64 8.27
N CYS A 273 11.51 10.17 8.03
CA CYS A 273 10.95 10.16 6.68
C CYS A 273 10.94 11.60 6.17
N ALA A 274 10.54 12.50 7.05
CA ALA A 274 10.44 13.92 6.71
C ALA A 274 11.77 14.57 6.33
N ASP A 275 12.86 14.11 6.94
CA ASP A 275 14.17 14.70 6.62
C ASP A 275 14.48 14.61 5.13
N CYS A 276 14.05 13.54 4.49
CA CYS A 276 14.31 13.39 3.06
C CYS A 276 13.13 13.75 2.16
N HIS A 277 11.92 13.38 2.57
CA HIS A 277 10.73 13.65 1.79
C HIS A 277 10.07 14.99 2.06
N MET A 278 10.39 15.62 3.19
CA MET A 278 9.83 16.92 3.54
C MET A 278 10.91 17.82 4.17
N PRO A 279 12.02 18.02 3.46
CA PRO A 279 13.14 18.85 3.94
C PRO A 279 12.78 20.29 4.25
N TYR A 280 13.55 20.90 5.15
CA TYR A 280 13.33 22.28 5.56
C TYR A 280 13.99 23.28 4.61
N THR A 281 13.54 24.52 4.71
CA THR A 281 14.07 25.64 3.93
C THR A 281 14.06 26.81 4.91
N GLN A 282 15.24 27.17 5.41
CA GLN A 282 15.36 28.26 6.37
C GLN A 282 15.28 29.63 5.70
N GLU A 283 14.43 30.48 6.25
CA GLU A 283 14.25 31.84 5.74
C GLU A 283 14.35 32.84 6.89
N GLY A 284 15.56 33.01 7.42
CA GLY A 284 15.77 33.93 8.51
C GLY A 284 14.87 33.72 9.71
N ALA A 285 15.26 32.77 10.58
CA ALA A 285 14.50 32.46 11.78
C ALA A 285 13.27 31.60 11.52
N VAL A 286 12.65 31.79 10.36
CA VAL A 286 11.47 31.01 9.99
C VAL A 286 11.84 29.74 9.24
N LYS A 287 11.30 28.61 9.68
CA LYS A 287 11.56 27.32 9.05
C LYS A 287 10.30 26.77 8.41
N TYR A 288 10.42 26.34 7.15
CA TYR A 288 9.29 25.77 6.42
C TYR A 288 9.61 24.36 5.96
N SER A 289 8.64 23.46 6.11
CA SER A 289 8.82 22.08 5.67
C SER A 289 8.21 21.99 4.28
N ASP A 290 8.96 21.44 3.33
CA ASP A 290 8.44 21.27 1.98
C ASP A 290 7.37 20.19 2.05
N HIS A 291 6.12 20.56 1.79
CA HIS A 291 5.05 19.57 1.86
C HIS A 291 4.79 18.84 0.55
N LYS A 292 5.61 19.09 -0.47
CA LYS A 292 5.45 18.38 -1.73
C LYS A 292 6.14 17.02 -1.59
N VAL A 293 5.45 16.08 -0.96
CA VAL A 293 6.00 14.76 -0.76
C VAL A 293 6.21 14.04 -2.10
N GLY A 294 7.46 13.70 -2.42
CA GLY A 294 7.74 13.02 -3.66
C GLY A 294 9.07 12.29 -3.67
N ASN A 295 9.78 12.34 -4.80
CA ASN A 295 11.07 11.68 -4.97
C ASN A 295 12.18 12.62 -4.50
N PRO A 296 12.82 12.30 -3.37
CA PRO A 296 13.90 13.12 -2.81
C PRO A 296 15.04 13.40 -3.79
N LEU A 297 15.23 12.48 -4.74
CA LEU A 297 16.30 12.63 -5.72
C LEU A 297 16.05 13.78 -6.68
N ASP A 298 14.85 14.35 -6.65
CA ASP A 298 14.54 15.47 -7.52
C ASP A 298 14.87 16.79 -6.85
N ASN A 299 15.18 16.72 -5.56
CA ASN A 299 15.51 17.88 -4.76
C ASN A 299 16.63 17.52 -3.79
N MET A 300 17.68 16.89 -4.32
CA MET A 300 18.80 16.44 -3.51
C MET A 300 19.50 17.52 -2.69
N ASP A 301 19.63 18.71 -3.24
CA ASP A 301 20.29 19.78 -2.51
C ASP A 301 19.66 19.99 -1.14
N LYS A 302 18.34 19.89 -1.05
CA LYS A 302 17.63 20.07 0.21
C LYS A 302 17.39 18.77 0.96
N SER A 303 17.14 17.70 0.19
CA SER A 303 16.86 16.38 0.77
C SER A 303 18.08 15.58 1.25
N CYS A 304 19.20 15.72 0.56
CA CYS A 304 20.40 14.96 0.91
C CYS A 304 21.62 15.77 1.30
N MET A 305 22.00 16.72 0.45
CA MET A 305 23.19 17.53 0.68
C MET A 305 23.22 18.38 1.93
N ASN A 306 22.45 17.98 2.93
CA ASN A 306 22.42 18.69 4.20
C ASN A 306 23.09 17.79 5.22
N CYS A 307 23.50 16.61 4.75
CA CYS A 307 24.17 15.62 5.59
C CYS A 307 25.31 14.99 4.80
N HIS A 308 25.22 15.05 3.48
CA HIS A 308 26.24 14.46 2.62
C HIS A 308 26.97 15.57 1.86
N ARG A 309 28.26 15.38 1.61
CA ARG A 309 29.05 16.39 0.92
C ARG A 309 29.76 15.88 -0.34
N GLU A 310 29.02 15.78 -1.44
CA GLU A 310 29.59 15.32 -2.70
C GLU A 310 28.57 15.41 -3.84
N SER A 311 29.07 15.36 -5.07
CA SER A 311 28.22 15.47 -6.26
C SER A 311 26.88 14.77 -6.15
N GLU A 312 25.83 15.46 -6.54
CA GLU A 312 24.50 14.91 -6.51
C GLU A 312 24.43 13.73 -7.47
N GLN A 313 25.18 13.83 -8.57
CA GLN A 313 25.19 12.79 -9.59
C GLN A 313 25.80 11.47 -9.10
N LYS A 314 26.86 11.53 -8.31
CA LYS A 314 27.49 10.32 -7.80
C LYS A 314 26.57 9.65 -6.78
N LEU A 315 26.00 10.47 -5.90
CA LEU A 315 25.11 9.94 -4.88
C LEU A 315 23.88 9.34 -5.58
N LYS A 316 23.52 9.93 -6.72
CA LYS A 316 22.39 9.48 -7.51
C LYS A 316 22.75 8.15 -8.18
N ASP A 317 23.99 8.07 -8.69
CA ASP A 317 24.45 6.87 -9.36
C ASP A 317 24.48 5.70 -8.38
N ILE A 318 24.88 5.99 -7.14
CA ILE A 318 24.96 4.96 -6.12
C ILE A 318 23.59 4.37 -5.84
N VAL A 319 22.57 5.21 -5.83
CA VAL A 319 21.21 4.75 -5.59
C VAL A 319 20.73 3.93 -6.78
N LYS A 320 21.12 4.37 -7.98
CA LYS A 320 20.76 3.67 -9.20
C LYS A 320 21.33 2.26 -9.17
N GLN A 321 22.52 2.11 -8.60
CA GLN A 321 23.17 0.81 -8.50
C GLN A 321 22.37 -0.11 -7.59
N LYS A 322 21.88 0.43 -6.49
CA LYS A 322 21.09 -0.33 -5.54
C LYS A 322 19.82 -0.86 -6.20
N PHE A 323 19.20 -0.01 -7.03
CA PHE A 323 17.97 -0.40 -7.72
C PHE A 323 18.23 -1.55 -8.68
N GLU A 324 19.36 -1.50 -9.39
CA GLU A 324 19.70 -2.54 -10.34
C GLU A 324 19.91 -3.87 -9.63
N ARG A 325 20.56 -3.81 -8.46
CA ARG A 325 20.83 -5.00 -7.66
C ARG A 325 19.50 -5.63 -7.26
N LYS A 326 18.60 -4.79 -6.77
CA LYS A 326 17.28 -5.22 -6.34
C LYS A 326 16.51 -5.84 -7.51
N GLU A 327 16.54 -5.17 -8.67
CA GLU A 327 15.86 -5.65 -9.86
C GLU A 327 16.35 -7.05 -10.22
N PHE A 328 17.66 -7.22 -10.21
CA PHE A 328 18.30 -8.50 -10.54
C PHE A 328 17.73 -9.64 -9.69
N LEU A 329 17.78 -9.47 -8.37
CA LEU A 329 17.29 -10.51 -7.48
C LEU A 329 15.77 -10.65 -7.50
N GLN A 330 15.07 -9.56 -7.76
CA GLN A 330 13.61 -9.58 -7.82
C GLN A 330 13.11 -10.44 -8.96
N ASP A 331 13.67 -10.24 -10.15
CA ASP A 331 13.25 -11.02 -11.31
C ASP A 331 13.53 -12.51 -11.13
N ILE A 332 14.64 -12.83 -10.50
CA ILE A 332 14.99 -14.24 -10.24
C ILE A 332 13.95 -14.86 -9.28
N ALA A 333 13.76 -14.22 -8.14
CA ALA A 333 12.81 -14.72 -7.14
C ALA A 333 11.39 -14.90 -7.67
N PHE A 334 10.83 -13.89 -8.32
CA PHE A 334 9.46 -14.02 -8.82
C PHE A 334 9.32 -14.95 -10.02
N ASP A 335 10.43 -15.24 -10.69
CA ASP A 335 10.40 -16.15 -11.82
C ASP A 335 10.25 -17.56 -11.26
N ASN A 336 11.00 -17.86 -10.20
CA ASN A 336 10.92 -19.18 -9.60
C ASN A 336 9.62 -19.33 -8.79
N ILE A 337 9.11 -18.24 -8.24
CA ILE A 337 7.87 -18.29 -7.50
C ILE A 337 6.75 -18.58 -8.51
N GLY A 338 6.81 -17.90 -9.65
CA GLY A 338 5.81 -18.10 -10.68
C GLY A 338 5.80 -19.54 -11.17
N LYS A 339 6.97 -20.08 -11.45
CA LYS A 339 7.08 -21.46 -11.88
C LYS A 339 6.56 -22.42 -10.82
N ALA A 340 6.92 -22.17 -9.57
CA ALA A 340 6.46 -23.03 -8.47
C ALA A 340 4.93 -23.10 -8.47
N HIS A 341 4.28 -21.94 -8.58
CA HIS A 341 2.81 -21.87 -8.61
C HIS A 341 2.26 -22.73 -9.75
N LEU A 342 2.75 -22.47 -10.96
CA LEU A 342 2.29 -23.20 -12.15
C LEU A 342 2.59 -24.69 -12.07
N GLU A 343 3.78 -25.03 -11.59
CA GLU A 343 4.16 -26.43 -11.45
C GLU A 343 3.23 -27.14 -10.46
N THR A 344 2.86 -26.43 -9.39
CA THR A 344 1.95 -26.98 -8.40
C THR A 344 0.58 -27.18 -9.04
N GLY A 345 0.17 -26.20 -9.85
CA GLY A 345 -1.11 -26.29 -10.53
C GLY A 345 -1.14 -27.51 -11.44
N LYS A 346 -0.01 -27.79 -12.10
CA LYS A 346 0.10 -28.95 -12.98
C LYS A 346 -0.02 -30.24 -12.16
N ALA A 347 0.69 -30.31 -11.04
CA ALA A 347 0.64 -31.49 -10.18
C ALA A 347 -0.80 -31.77 -9.77
N MET A 348 -1.53 -30.70 -9.47
CA MET A 348 -2.94 -30.82 -9.08
C MET A 348 -3.76 -31.44 -10.20
N GLU A 349 -3.55 -30.96 -11.42
CA GLU A 349 -4.27 -31.47 -12.59
C GLU A 349 -4.04 -32.97 -12.74
N LEU A 350 -2.82 -33.41 -12.44
CA LEU A 350 -2.46 -34.82 -12.57
C LEU A 350 -3.01 -35.66 -11.42
N GLY A 351 -3.47 -35.02 -10.34
CA GLY A 351 -4.03 -35.76 -9.24
C GLY A 351 -3.29 -35.71 -7.91
N ALA A 352 -2.26 -34.89 -7.80
CA ALA A 352 -1.51 -34.79 -6.56
C ALA A 352 -2.45 -34.41 -5.42
N THR A 353 -2.28 -35.03 -4.26
CA THR A 353 -3.13 -34.76 -3.10
C THR A 353 -2.62 -33.56 -2.32
N ASP A 354 -3.49 -32.98 -1.49
CA ASP A 354 -3.09 -31.84 -0.67
C ASP A 354 -1.99 -32.26 0.29
N ALA A 355 -2.00 -33.53 0.70
CA ALA A 355 -0.98 -34.02 1.61
C ALA A 355 0.39 -34.02 0.93
N GLU A 356 0.41 -34.41 -0.34
CA GLU A 356 1.65 -34.45 -1.11
C GLU A 356 2.16 -33.06 -1.44
N LEU A 357 1.28 -32.08 -1.38
CA LEU A 357 1.65 -30.70 -1.71
C LEU A 357 1.76 -29.76 -0.51
N LYS A 358 1.43 -30.24 0.68
CA LYS A 358 1.49 -29.37 1.85
C LYS A 358 2.83 -28.67 2.06
N GLU A 359 3.93 -29.42 2.11
CA GLU A 359 5.23 -28.81 2.32
C GLU A 359 5.58 -27.85 1.20
N ILE A 360 5.32 -28.26 -0.03
CA ILE A 360 5.58 -27.41 -1.19
C ILE A 360 4.85 -26.08 -1.05
N ARG A 361 3.57 -26.14 -0.67
CA ARG A 361 2.76 -24.95 -0.50
C ARG A 361 3.27 -24.04 0.63
N THR A 362 3.74 -24.65 1.71
CA THR A 362 4.27 -23.84 2.82
C THR A 362 5.50 -23.09 2.33
N HIS A 363 6.34 -23.75 1.54
CA HIS A 363 7.54 -23.10 0.99
C HIS A 363 7.15 -21.94 0.09
N ILE A 364 6.16 -22.14 -0.77
CA ILE A 364 5.72 -21.10 -1.70
C ILE A 364 5.15 -19.90 -0.93
N ARG A 365 4.35 -20.19 0.10
CA ARG A 365 3.76 -19.16 0.94
C ARG A 365 4.86 -18.29 1.54
N HIS A 366 5.86 -18.93 2.14
CA HIS A 366 6.96 -18.21 2.77
C HIS A 366 7.84 -17.50 1.75
N ALA A 367 8.03 -18.11 0.60
CA ALA A 367 8.87 -17.52 -0.45
C ALA A 367 8.27 -16.21 -0.95
N GLN A 368 6.98 -16.22 -1.25
CA GLN A 368 6.34 -15.02 -1.75
C GLN A 368 6.16 -13.98 -0.68
N TRP A 369 5.94 -14.41 0.55
CA TRP A 369 5.79 -13.45 1.63
C TRP A 369 7.09 -12.65 1.78
N ARG A 370 8.21 -13.34 1.74
CA ARG A 370 9.50 -12.69 1.89
C ARG A 370 9.87 -11.80 0.70
N ALA A 371 9.64 -12.28 -0.51
CA ALA A 371 9.96 -11.52 -1.72
C ALA A 371 9.02 -10.32 -1.89
N ASP A 372 7.75 -10.52 -1.56
CA ASP A 372 6.76 -9.44 -1.67
C ASP A 372 7.10 -8.37 -0.64
N MET A 373 7.45 -8.79 0.57
CA MET A 373 7.82 -7.84 1.63
C MET A 373 9.02 -7.01 1.20
N ALA A 374 9.90 -7.61 0.40
CA ALA A 374 11.09 -6.92 -0.06
C ALA A 374 10.80 -5.85 -1.12
N ILE A 375 9.85 -6.12 -2.01
CA ILE A 375 9.53 -5.18 -3.09
C ILE A 375 8.23 -4.38 -2.93
N ALA A 376 7.36 -4.75 -2.00
CA ALA A 376 6.10 -4.03 -1.84
C ALA A 376 6.33 -2.58 -1.43
N GLY A 377 7.45 -2.33 -0.76
CA GLY A 377 7.80 -0.97 -0.38
C GLY A 377 8.73 -0.52 -1.49
N HIS A 378 8.22 0.34 -2.37
CA HIS A 378 9.00 0.81 -3.53
C HIS A 378 10.29 1.55 -3.21
N GLY A 379 10.44 2.04 -1.98
CA GLY A 379 11.66 2.74 -1.63
C GLY A 379 12.59 1.89 -0.79
N SER A 380 12.14 0.71 -0.41
CA SER A 380 12.95 -0.17 0.44
C SER A 380 14.33 -0.46 -0.13
N PHE A 381 14.43 -0.58 -1.45
CA PHE A 381 15.73 -0.88 -2.06
C PHE A 381 16.75 0.18 -1.64
N PHE A 382 16.26 1.34 -1.22
CA PHE A 382 17.13 2.43 -0.77
C PHE A 382 17.11 2.59 0.75
N HIS A 383 15.92 2.55 1.33
CA HIS A 383 15.77 2.69 2.77
C HIS A 383 16.57 1.62 3.54
N ALA A 384 16.50 0.38 3.07
CA ALA A 384 17.20 -0.74 3.70
C ALA A 384 17.65 -1.70 2.60
N PRO A 385 18.63 -1.28 1.80
CA PRO A 385 19.16 -2.09 0.70
C PRO A 385 19.61 -3.50 1.03
N GLU A 386 20.29 -3.68 2.16
CA GLU A 386 20.77 -5.00 2.51
C GLU A 386 19.68 -5.96 2.92
N GLU A 387 18.70 -5.48 3.68
CA GLU A 387 17.60 -6.33 4.10
C GLU A 387 16.79 -6.75 2.87
N VAL A 388 16.65 -5.82 1.92
CA VAL A 388 15.91 -6.12 0.70
C VAL A 388 16.56 -7.26 -0.07
N LEU A 389 17.87 -7.16 -0.29
CA LEU A 389 18.58 -8.21 -1.01
C LEU A 389 18.52 -9.53 -0.27
N ARG A 390 18.71 -9.51 1.04
CA ARG A 390 18.66 -10.74 1.82
C ARG A 390 17.29 -11.39 1.71
N LEU A 391 16.24 -10.57 1.75
CA LEU A 391 14.88 -11.09 1.67
C LEU A 391 14.59 -11.74 0.32
N LEU A 392 15.03 -11.10 -0.76
CA LEU A 392 14.82 -11.65 -2.08
C LEU A 392 15.58 -12.97 -2.22
N ALA A 393 16.76 -13.03 -1.60
CA ALA A 393 17.59 -14.23 -1.65
C ALA A 393 16.91 -15.34 -0.86
N SER A 394 16.38 -15.00 0.31
CA SER A 394 15.71 -15.97 1.16
C SER A 394 14.43 -16.46 0.49
N GLY A 395 13.68 -15.54 -0.11
CA GLY A 395 12.46 -15.91 -0.80
C GLY A 395 12.76 -16.85 -1.98
N ASN A 396 13.79 -16.53 -2.75
CA ASN A 396 14.16 -17.36 -3.88
C ASN A 396 14.53 -18.77 -3.41
N GLU A 397 15.28 -18.86 -2.32
CA GLU A 397 15.68 -20.17 -1.80
C GLU A 397 14.45 -21.00 -1.43
N GLU A 398 13.47 -20.38 -0.79
CA GLU A 398 12.27 -21.11 -0.41
C GLU A 398 11.53 -21.58 -1.67
N ALA A 399 11.51 -20.74 -2.69
CA ALA A 399 10.83 -21.08 -3.94
C ALA A 399 11.52 -22.26 -4.61
N GLN A 400 12.85 -22.24 -4.63
CA GLN A 400 13.59 -23.34 -5.25
C GLN A 400 13.44 -24.63 -4.46
N LYS A 401 13.34 -24.54 -3.14
CA LYS A 401 13.15 -25.74 -2.32
C LYS A 401 11.83 -26.38 -2.70
N ALA A 402 10.83 -25.54 -2.96
CA ALA A 402 9.52 -26.03 -3.36
C ALA A 402 9.63 -26.67 -4.74
N ARG A 403 10.36 -26.03 -5.64
CA ARG A 403 10.49 -26.55 -6.99
C ARG A 403 11.23 -27.87 -7.06
N ILE A 404 12.24 -28.04 -6.21
CA ILE A 404 13.00 -29.29 -6.20
C ILE A 404 12.05 -30.42 -5.79
N LYS A 405 11.20 -30.18 -4.80
CA LYS A 405 10.24 -31.17 -4.34
C LYS A 405 9.15 -31.35 -5.39
N LEU A 406 8.84 -30.29 -6.11
CA LEU A 406 7.81 -30.35 -7.15
C LEU A 406 8.20 -31.27 -8.30
N VAL A 407 9.49 -31.31 -8.62
CA VAL A 407 9.97 -32.17 -9.70
C VAL A 407 9.62 -33.63 -9.38
N LYS A 408 9.81 -34.02 -8.12
CA LYS A 408 9.51 -35.38 -7.69
C LYS A 408 8.02 -35.69 -7.74
N VAL A 409 7.19 -34.74 -7.31
CA VAL A 409 5.74 -34.96 -7.35
C VAL A 409 5.35 -35.11 -8.80
N LEU A 410 5.84 -34.21 -9.65
CA LEU A 410 5.54 -34.27 -11.07
C LEU A 410 5.96 -35.62 -11.67
N ALA A 411 7.16 -36.06 -11.31
CA ALA A 411 7.66 -37.34 -11.82
C ALA A 411 6.74 -38.48 -11.40
N LYS A 412 6.32 -38.48 -10.14
CA LYS A 412 5.43 -39.53 -9.65
C LYS A 412 4.20 -39.63 -10.53
N TYR A 413 3.70 -38.48 -10.98
CA TYR A 413 2.52 -38.46 -11.82
C TYR A 413 2.82 -38.47 -13.31
N GLY A 414 4.05 -38.87 -13.66
CA GLY A 414 4.47 -38.98 -15.04
C GLY A 414 4.72 -37.72 -15.84
N ALA A 415 5.03 -36.61 -15.18
CA ALA A 415 5.28 -35.37 -15.91
C ALA A 415 6.58 -34.67 -15.52
N ILE A 416 7.65 -35.46 -15.35
CA ILE A 416 8.92 -34.87 -14.96
C ILE A 416 9.47 -33.84 -15.96
N ASP A 417 9.11 -33.97 -17.23
CA ASP A 417 9.62 -33.03 -18.24
C ASP A 417 8.69 -31.85 -18.50
N TYR A 418 7.69 -31.68 -17.63
CA TYR A 418 6.76 -30.56 -17.76
C TYR A 418 7.53 -29.26 -17.67
N VAL A 419 7.20 -28.31 -18.54
CA VAL A 419 7.83 -26.99 -18.56
C VAL A 419 6.73 -25.98 -18.27
N ALA A 420 6.83 -25.29 -17.15
CA ALA A 420 5.82 -24.29 -16.79
C ALA A 420 5.71 -23.25 -17.91
N PRO A 421 4.48 -22.85 -18.24
CA PRO A 421 4.30 -21.86 -19.30
C PRO A 421 4.96 -20.52 -18.98
N ASP A 422 5.30 -19.76 -20.03
CA ASP A 422 5.93 -18.48 -19.83
C ASP A 422 4.89 -17.41 -19.53
N PHE A 423 5.32 -16.36 -18.84
CA PHE A 423 4.44 -15.27 -18.47
C PHE A 423 5.26 -13.98 -18.53
N GLU A 424 5.86 -13.72 -19.69
CA GLU A 424 6.71 -12.55 -19.88
C GLU A 424 5.96 -11.27 -20.24
N THR A 425 4.65 -11.38 -20.45
CA THR A 425 3.84 -10.20 -20.75
C THR A 425 2.61 -10.24 -19.85
N LYS A 426 2.07 -9.07 -19.56
CA LYS A 426 0.89 -8.96 -18.72
C LYS A 426 -0.27 -9.76 -19.33
N GLU A 427 -0.35 -9.73 -20.65
CA GLU A 427 -1.40 -10.44 -21.36
C GLU A 427 -1.35 -11.95 -21.11
N LYS A 428 -0.19 -12.54 -21.33
CA LYS A 428 -0.03 -13.97 -21.14
C LYS A 428 -0.19 -14.35 -19.67
N ALA A 429 0.36 -13.52 -18.78
CA ALA A 429 0.27 -13.78 -17.34
C ALA A 429 -1.18 -13.72 -16.88
N GLN A 430 -1.92 -12.71 -17.32
CA GLN A 430 -3.32 -12.60 -16.93
C GLN A 430 -4.19 -13.71 -17.51
N LYS A 431 -3.76 -14.31 -18.62
CA LYS A 431 -4.52 -15.41 -19.21
C LYS A 431 -4.33 -16.61 -18.28
N LEU A 432 -3.11 -16.80 -17.80
CA LEU A 432 -2.83 -17.89 -16.90
C LEU A 432 -3.56 -17.72 -15.58
N ALA A 433 -3.69 -16.47 -15.13
CA ALA A 433 -4.36 -16.17 -13.87
C ALA A 433 -5.87 -16.04 -14.07
N LYS A 434 -6.31 -16.28 -15.29
CA LYS A 434 -7.73 -16.20 -15.62
C LYS A 434 -8.38 -14.88 -15.23
N VAL A 435 -7.74 -13.78 -15.60
CA VAL A 435 -8.26 -12.46 -15.30
C VAL A 435 -8.88 -11.89 -16.57
N ASP A 436 -10.20 -11.71 -16.57
CA ASP A 436 -10.91 -11.16 -17.71
C ASP A 436 -10.92 -9.64 -17.61
N MET A 437 -9.81 -9.04 -18.03
CA MET A 437 -9.63 -7.59 -18.00
C MET A 437 -10.71 -6.77 -18.68
N GLU A 438 -10.97 -7.08 -19.94
CA GLU A 438 -11.99 -6.34 -20.68
C GLU A 438 -13.29 -6.26 -19.91
N ALA A 439 -13.71 -7.37 -19.32
CA ALA A 439 -14.94 -7.38 -18.55
C ALA A 439 -14.88 -6.47 -17.33
N PHE A 440 -13.80 -6.58 -16.57
CA PHE A 440 -13.63 -5.75 -15.37
C PHE A 440 -13.57 -4.27 -15.73
N ILE A 441 -12.84 -3.93 -16.77
CA ILE A 441 -12.73 -2.54 -17.20
C ILE A 441 -14.08 -1.98 -17.66
N ALA A 442 -14.83 -2.77 -18.43
CA ALA A 442 -16.14 -2.33 -18.93
C ALA A 442 -17.07 -2.06 -17.75
N GLU A 443 -17.05 -2.96 -16.78
CA GLU A 443 -17.88 -2.84 -15.58
C GLU A 443 -17.44 -1.63 -14.76
N LYS A 444 -16.13 -1.39 -14.70
CA LYS A 444 -15.59 -0.27 -13.94
C LYS A 444 -16.03 1.07 -14.53
N LEU A 445 -15.90 1.21 -15.84
CA LEU A 445 -16.27 2.45 -16.51
C LEU A 445 -17.74 2.79 -16.26
N LYS A 446 -18.60 1.77 -16.29
CA LYS A 446 -20.02 2.00 -16.05
C LYS A 446 -20.23 2.55 -14.64
N PHE A 447 -19.47 2.03 -13.68
CA PHE A 447 -19.55 2.50 -12.30
C PHE A 447 -19.11 3.96 -12.22
N LYS A 448 -17.97 4.27 -12.83
CA LYS A 448 -17.43 5.62 -12.84
C LYS A 448 -18.38 6.63 -13.48
N GLN A 449 -19.02 6.21 -14.57
CA GLN A 449 -19.92 7.09 -15.31
C GLN A 449 -21.26 7.29 -14.61
N THR A 450 -21.58 6.41 -13.67
CA THR A 450 -22.85 6.52 -12.97
C THR A 450 -22.70 6.78 -11.47
N LEU A 451 -22.51 5.72 -10.69
CA LEU A 451 -22.37 5.84 -9.25
C LEU A 451 -21.31 6.84 -8.80
N GLU A 452 -20.13 6.79 -9.41
CA GLU A 452 -19.07 7.71 -8.99
C GLU A 452 -19.47 9.17 -9.13
N GLN A 453 -19.97 9.53 -10.30
CA GLN A 453 -20.39 10.91 -10.53
C GLN A 453 -21.47 11.33 -9.54
N GLU A 454 -22.31 10.39 -9.12
CA GLU A 454 -23.35 10.71 -8.16
C GLU A 454 -22.75 10.94 -6.77
N TRP A 455 -21.71 10.19 -6.44
CA TRP A 455 -21.02 10.35 -5.16
C TRP A 455 -20.46 11.76 -5.09
N LYS A 456 -19.76 12.16 -6.15
CA LYS A 456 -19.15 13.48 -6.22
C LYS A 456 -20.19 14.61 -6.25
N LYS A 457 -21.26 14.44 -7.02
CA LYS A 457 -22.30 15.47 -7.08
C LYS A 457 -22.94 15.67 -5.72
N GLN A 458 -23.20 14.57 -5.02
CA GLN A 458 -23.82 14.63 -3.71
C GLN A 458 -22.87 15.24 -2.69
N ALA A 459 -21.60 14.85 -2.76
CA ALA A 459 -20.59 15.36 -1.84
C ALA A 459 -20.44 16.86 -2.00
N ILE A 460 -20.45 17.33 -3.24
CA ILE A 460 -20.33 18.76 -3.51
C ILE A 460 -21.57 19.50 -3.02
N ALA A 461 -22.74 18.90 -3.23
CA ALA A 461 -23.99 19.52 -2.81
C ALA A 461 -24.09 19.64 -1.29
N LYS A 462 -23.61 18.62 -0.57
CA LYS A 462 -23.65 18.64 0.89
C LYS A 462 -22.52 19.48 1.48
N GLY A 463 -21.60 19.92 0.63
CA GLY A 463 -20.49 20.73 1.10
C GLY A 463 -19.31 19.97 1.66
N ARG A 464 -19.19 18.69 1.34
CA ARG A 464 -18.10 17.88 1.82
C ARG A 464 -16.92 17.90 0.85
N LEU A 465 -17.19 18.24 -0.40
CA LEU A 465 -16.17 18.27 -1.44
C LEU A 465 -16.16 19.58 -2.21
N ASN A 466 -14.95 20.12 -2.41
CA ASN A 466 -14.79 21.35 -3.15
C ASN A 466 -14.31 20.95 -4.54
N PRO A 467 -15.08 21.29 -5.59
CA PRO A 467 -14.73 20.96 -6.97
C PRO A 467 -13.30 21.32 -7.38
N GLU A 468 -12.71 22.28 -6.69
CA GLU A 468 -11.36 22.72 -7.00
C GLU A 468 -10.36 21.58 -6.84
N SER A 469 -10.61 20.72 -5.86
CA SER A 469 -9.73 19.59 -5.57
C SER A 469 -9.76 18.51 -6.65
N LEU A 470 -10.74 18.59 -7.54
CA LEU A 470 -10.86 17.58 -8.60
C LEU A 470 -10.13 17.93 -9.89
N LYS A 471 -9.51 19.10 -9.96
CA LYS A 471 -8.80 19.51 -11.17
C LYS A 471 -7.72 18.54 -11.62
N GLY A 472 -7.92 17.96 -12.80
CA GLY A 472 -6.96 17.03 -13.37
C GLY A 472 -6.71 15.76 -12.57
N VAL A 473 -7.50 15.53 -11.53
CA VAL A 473 -7.32 14.36 -10.69
C VAL A 473 -7.71 13.03 -11.33
N ASP A 474 -8.57 13.08 -12.34
CA ASP A 474 -9.02 11.85 -13.01
C ASP A 474 -8.74 11.81 -14.50
N GLU A 475 -7.49 12.12 -14.86
CA GLU A 475 -7.07 12.11 -16.25
C GLU A 475 -6.48 10.74 -16.63
N LYS A 476 -5.95 10.03 -15.64
CA LYS A 476 -5.31 8.74 -15.91
C LYS A 476 -5.66 7.61 -14.93
N SER A 477 -5.39 6.39 -15.37
CA SER A 477 -5.56 5.17 -14.59
C SER A 477 -4.73 4.19 -15.40
N SER A 478 -4.75 2.91 -15.04
CA SER A 478 -3.97 1.95 -15.80
C SER A 478 -4.69 1.56 -17.09
N TYR A 479 -5.99 1.84 -17.17
CA TYR A 479 -6.79 1.49 -18.34
C TYR A 479 -7.28 2.65 -19.21
N TYR A 480 -6.84 3.87 -18.91
CA TYR A 480 -7.20 5.04 -19.72
C TYR A 480 -6.29 6.20 -19.41
N ASP A 481 -6.08 7.04 -20.42
CA ASP A 481 -5.24 8.22 -20.27
C ASP A 481 -5.77 9.31 -21.19
N LYS A 482 -6.44 10.30 -20.60
CA LYS A 482 -7.00 11.41 -21.36
C LYS A 482 -5.87 12.32 -21.89
N THR A 483 -4.64 11.83 -21.71
CA THR A 483 -3.41 12.48 -22.17
C THR A 483 -2.79 13.60 -21.34
N LYS A 484 -2.99 14.84 -21.77
CA LYS A 484 -2.40 16.02 -21.13
C LYS A 484 -2.52 16.17 -19.61
N LYS A 485 -2.35 17.41 -19.15
CA LYS A 485 -2.42 17.79 -17.74
C LYS A 485 -3.51 17.08 -16.93
CA CA B . -0.75 -7.81 4.39
Y YT3 C . -12.82 28.60 6.90
Y YT3 D . 6.08 7.29 -7.97
Y YT3 E . 24.84 -0.40 2.49
CHA HEM F . -1.54 2.92 -2.51
CHB HEM F . -5.92 0.97 -2.91
CHC HEM F . -5.78 -0.26 1.75
CHD HEM F . -1.94 2.60 2.25
C1A HEM F . -2.76 2.53 -3.05
C2A HEM F . -3.14 2.64 -4.46
C3A HEM F . -4.39 2.12 -4.56
C4A HEM F . -4.76 1.67 -3.23
CMA HEM F . -5.22 1.97 -5.82
CAA HEM F . -2.27 3.15 -5.62
CBA HEM F . -1.20 2.13 -6.02
CGA HEM F . -1.80 0.87 -6.61
O1A HEM F . -2.20 0.89 -7.79
O2A HEM F . -1.86 -0.15 -5.89
C1B HEM F . -6.26 0.44 -1.68
C2B HEM F . -7.37 -0.47 -1.47
C3B HEM F . -7.31 -0.88 -0.17
C4B HEM F . -6.16 -0.21 0.40
CMB HEM F . -8.40 -0.91 -2.49
CAB HEM F . -8.17 -1.79 0.43
CBB HEM F . -7.86 -3.16 0.36
C1C HEM F . -4.71 0.42 2.32
C2C HEM F . -4.51 0.60 3.75
C3C HEM F . -3.48 1.47 3.90
C4C HEM F . -3.03 1.79 2.55
CMC HEM F . -5.34 -0.05 4.86
CAC HEM F . -3.01 2.01 5.10
CBC HEM F . -2.71 1.23 6.25
C1D HEM F . -1.46 2.89 0.99
C2D HEM F . -0.16 3.48 0.73
C3D HEM F . 0.04 3.40 -0.61
C4D HEM F . -1.19 2.86 -1.18
CMD HEM F . 0.81 4.07 1.74
CAD HEM F . 1.28 3.91 -1.32
CBD HEM F . 2.58 3.11 -1.39
CGD HEM F . 2.49 1.90 -2.30
O1D HEM F . 1.48 1.77 -3.02
O2D HEM F . 3.43 1.08 -2.31
NA HEM F . -3.78 1.94 -2.31
NB HEM F . -5.51 0.57 -0.55
NC HEM F . -3.81 1.19 1.60
ND HEM F . -2.08 2.48 -0.18
FE HEM F . -3.78 1.49 -0.37
CHA HEM G . 4.95 20.74 9.45
CHB HEM G . 0.83 22.73 7.97
CHC HEM G . -0.26 18.64 5.68
CHD HEM G . 3.34 16.46 7.97
C1A HEM G . 3.93 21.67 9.27
C2A HEM G . 3.88 22.98 9.90
C3A HEM G . 2.70 23.52 9.51
C4A HEM G . 2.03 22.53 8.66
CMA HEM G . 2.21 24.92 9.88
CAA HEM G . 4.93 23.58 10.83
CBA HEM G . 5.95 24.48 10.13
CGA HEM G . 6.68 23.77 9.00
O1A HEM G . 6.43 24.10 7.83
O2A HEM G . 7.52 22.89 9.30
C1B HEM G . 0.21 21.82 7.13
C2B HEM G . -0.94 22.12 6.27
C3B HEM G . -1.24 20.97 5.58
C4B HEM G . -0.26 19.98 6.03
CMB HEM G . -1.67 23.45 6.14
CAB HEM G . -2.26 20.78 4.65
CBB HEM G . -2.40 21.53 3.46
C1C HEM G . 0.59 17.64 6.15
C2C HEM G . 0.40 16.21 5.92
C3C HEM G . 1.32 15.58 6.71
C4C HEM G . 2.14 16.66 7.30
CMC HEM G . -0.53 15.53 4.92
CAC HEM G . 1.40 14.21 6.96
CBC HEM G . 1.73 13.29 5.93
C1D HEM G . 4.17 17.44 8.48
C2D HEM G . 5.48 17.22 9.04
C3D HEM G . 5.95 18.44 9.40
C4D HEM G . 4.92 19.40 9.08
CMD HEM G . 6.18 15.87 9.25
CAD HEM G . 7.28 18.77 10.07
CBD HEM G . 7.22 18.56 11.58
CGD HEM G . 8.40 19.16 12.29
O1D HEM G . 9.54 19.03 11.80
O2D HEM G . 8.20 19.77 13.36
NA HEM G . 2.78 21.38 8.56
NB HEM G . 0.64 20.52 6.94
NC HEM G . 1.64 17.91 7.00
ND HEM G . 3.84 18.79 8.48
FE HEM G . 2.24 19.65 7.73
CHA HEM H . 2.28 7.94 -1.87
CHB HEM H . 5.62 9.34 1.27
CHC HEM H . 2.29 10.06 4.59
CHD HEM H . -0.74 7.56 1.86
C1A HEM H . 3.45 8.50 -1.36
C2A HEM H . 4.69 8.66 -2.10
C3A HEM H . 5.64 8.98 -1.19
C4A HEM H . 4.98 9.04 0.09
CMA HEM H . 7.10 9.28 -1.45
CAA HEM H . 4.89 8.61 -3.61
CBA HEM H . 4.91 10.03 -4.18
CGA HEM H . 5.10 10.04 -5.68
O1A HEM H . 5.09 8.95 -6.30
O2A HEM H . 5.25 11.14 -6.26
C1B HEM H . 5.03 9.61 2.48
C2B HEM H . 5.70 10.18 3.62
C3B HEM H . 4.76 10.53 4.53
C4B HEM H . 3.50 10.10 3.93
CMB HEM H . 7.22 10.32 3.79
CAB HEM H . 4.99 11.16 5.76
CBB HEM H . 5.48 12.49 5.83
C1C HEM H . 1.13 9.47 4.11
C2C HEM H . -0.05 9.30 4.91
C3C HEM H . -0.88 8.51 4.18
C4C HEM H . -0.21 8.25 2.93
CMC HEM H . -0.32 9.81 6.32
CAC HEM H . -2.12 8.01 4.62
CBC HEM H . -3.21 8.85 4.97
C1D HEM H . -0.18 7.40 0.60
C2D HEM H . -0.90 6.92 -0.56
C3D HEM H . -0.05 7.01 -1.61
C4D HEM H . 1.18 7.60 -1.11
CMD HEM H . -2.32 6.40 -0.59
CAD HEM H . -0.38 6.57 -3.03
CBD HEM H . -0.84 7.76 -3.84
CGD HEM H . -1.42 7.35 -5.18
O1D HEM H . -0.77 6.56 -5.90
O2D HEM H . -2.52 7.83 -5.52
NA HEM H . 3.63 8.79 -0.01
NB HEM H . 3.67 9.56 2.67
NC HEM H . 1.03 8.85 2.89
ND HEM H . 1.07 7.86 0.26
FE HEM H . 2.34 8.77 1.44
CHA HEM I . 11.35 6.27 -1.96
CHB HEM I . 8.41 6.50 1.79
CHC HEM I . 12.18 7.58 4.56
CHD HEM I . 14.63 8.58 0.61
C1A HEM I . 10.23 6.15 -1.17
C2A HEM I . 8.97 5.59 -1.61
C3A HEM I . 8.11 5.73 -0.58
C4A HEM I . 8.86 6.34 0.50
CMA HEM I . 6.61 5.40 -0.60
CAA HEM I . 8.66 5.01 -3.00
CBA HEM I . 8.14 6.17 -3.85
CGA HEM I . 7.71 5.73 -5.24
O1A HEM I . 7.06 6.53 -5.93
O2A HEM I . 8.03 4.60 -5.65
C1B HEM I . 9.18 6.85 2.89
C2B HEM I . 8.71 6.78 4.25
C3B HEM I . 9.81 6.93 5.05
C4B HEM I . 10.92 7.19 4.15
CMB HEM I . 7.28 6.62 4.72
CAB HEM I . 9.87 6.72 6.44
CBB HEM I . 9.27 5.62 7.09
C1C HEM I . 13.20 7.99 3.73
C2C HEM I . 14.46 8.56 4.16
C3C HEM I . 15.12 8.94 3.05
C4C HEM I . 14.26 8.55 1.94
CMC HEM I . 14.95 8.66 5.60
CAC HEM I . 16.33 9.65 2.98
CBC HEM I . 17.55 9.10 3.47
C1D HEM I . 13.96 8.00 -0.45
C2D HEM I . 14.55 7.78 -1.75
C3D HEM I . 13.67 7.06 -2.44
C4D HEM I . 12.52 6.86 -1.58
CMD HEM I . 15.95 8.18 -2.25
CAD HEM I . 13.88 6.45 -3.82
CBD HEM I . 13.81 7.47 -4.94
CGD HEM I . 13.91 6.83 -6.32
O1D HEM I . 14.86 6.06 -6.54
O2D HEM I . 13.03 7.11 -7.16
NA HEM I . 10.17 6.58 0.13
NB HEM I . 10.54 7.11 2.83
NC HEM I . 13.10 7.99 2.36
ND HEM I . 12.74 7.41 -0.33
FE HEM I . 11.64 7.27 1.25
CHA HEM J . 24.21 6.92 4.75
CHB HEM J . 22.43 8.48 0.57
CHC HEM J . 19.94 11.76 3.04
CHD HEM J . 22.45 10.77 6.99
C1A HEM J . 23.90 6.99 3.40
C2A HEM J . 24.42 6.10 2.37
C3A HEM J . 23.99 6.60 1.18
C4A HEM J . 23.17 7.77 1.49
CMA HEM J . 24.30 6.05 -0.21
CAA HEM J . 25.32 4.91 2.63
CBA HEM J . 24.61 3.65 3.14
CGA HEM J . 23.96 2.86 2.03
O1A HEM J . 24.65 2.60 1.02
O2A HEM J . 22.77 2.48 2.16
C1B HEM J . 21.57 9.53 0.88
C2B HEM J . 20.73 10.22 -0.09
C3B HEM J . 19.95 11.06 0.63
C4B HEM J . 20.38 10.95 2.01
CMB HEM J . 20.78 10.04 -1.61
CAB HEM J . 18.86 11.84 0.18
CBB HEM J . 17.70 11.30 -0.42
C1C HEM J . 20.42 11.81 4.33
C2C HEM J . 20.07 12.82 5.32
C3C HEM J . 20.84 12.60 6.42
C4C HEM J . 21.63 11.41 6.09
CMC HEM J . 19.06 13.95 5.15
CAC HEM J . 21.01 13.47 7.51
CBC HEM J . 20.07 13.59 8.53
C1D HEM J . 23.13 9.60 6.73
C2D HEM J . 23.82 8.83 7.75
C3D HEM J . 24.23 7.69 7.16
C4D HEM J . 23.86 7.81 5.75
CMD HEM J . 24.10 9.26 9.20
CAD HEM J . 24.82 6.48 7.87
CBD HEM J . 26.27 6.19 7.45
CGD HEM J . 27.22 7.28 7.91
O1D HEM J . 27.52 7.34 9.12
O2D HEM J . 27.67 8.06 7.05
NA HEM J . 23.13 8.01 2.86
NB HEM J . 21.37 10.00 2.15
NC HEM J . 21.39 10.96 4.80
ND HEM J . 23.13 8.96 5.51
FE HEM J . 22.24 9.47 3.84
N HOA K . -2.93 0.04 -0.62
O HOA K . -3.11 -0.82 -1.72
#